data_6PIQ
#
_entry.id   6PIQ
#
_cell.length_a   117.979
_cell.length_b   64.426
_cell.length_c   74.434
_cell.angle_alpha   90.000
_cell.angle_beta   125.870
_cell.angle_gamma   90.000
#
_symmetry.space_group_name_H-M   'C 1 2 1'
#
loop_
_entity.id
_entity.type
_entity.pdbx_description
1 polymer 'Thiol:disulfide interchange protein DsbA'
2 non-polymer 2-[4-(4-cyano-3-methylphenoxy)phenyl]-N-ethyl-N-[2-(1H-pyrazol-1-yl)ethyl]acetamide
3 non-polymer 'COPPER (II) ION'
4 water water
#
_entity_poly.entity_id   1
_entity_poly.type   'polypeptide(L)'
_entity_poly.pdbx_seq_one_letter_code
;AQYEDGKQYTTLEKPVAGAPQVLEFFSFFCPHCYQFEEVLHISDNVKKKLPEGVKMTKYHVNFMGGDLGKDLTQAWAVAM
ALGVEDKVTVPLFEGVQKTQTIRSASDIRDVFINAGIKGEEYDAAWNSFVVKSLVAQQEKAAADVQLRGVPAMFVNGKYQ
LNPQGMDTSNMDVFVQQYADTVKYLSEKK
;
_entity_poly.pdbx_strand_id   A,B
#
loop_
_chem_comp.id
_chem_comp.type
_chem_comp.name
_chem_comp.formula
CU non-polymer 'COPPER (II) ION' 'Cu 2'
OAV non-polymer 2-[4-(4-cyano-3-methylphenoxy)phenyl]-N-ethyl-N-[2-(1H-pyrazol-1-yl)ethyl]acetamide 'C23 H24 N4 O2'
#
# COMPACT_ATOMS: atom_id res chain seq x y z
N ALA A 1 -30.27 11.69 -9.17
CA ALA A 1 -30.36 10.36 -8.57
C ALA A 1 -29.25 10.15 -7.54
N GLN A 2 -29.48 9.23 -6.62
CA GLN A 2 -28.47 8.94 -5.60
C GLN A 2 -27.26 8.25 -6.20
N TYR A 3 -27.49 7.31 -7.10
CA TYR A 3 -26.44 6.70 -7.90
C TYR A 3 -26.48 7.29 -9.29
N GLU A 4 -25.36 7.85 -9.74
CA GLU A 4 -25.29 8.52 -11.03
C GLU A 4 -24.07 8.04 -11.79
N ASP A 5 -24.25 7.85 -13.10
CA ASP A 5 -23.14 7.52 -13.97
C ASP A 5 -22.11 8.65 -13.93
N GLY A 6 -20.87 8.31 -13.55
CA GLY A 6 -19.82 9.27 -13.35
C GLY A 6 -19.51 9.55 -11.89
N LYS A 7 -20.41 9.21 -10.98
CA LYS A 7 -20.19 9.45 -9.56
C LYS A 7 -19.59 8.21 -8.90
N GLN A 8 -20.44 7.24 -8.56
CA GLN A 8 -19.99 5.99 -7.96
C GLN A 8 -19.59 4.94 -8.99
N TYR A 9 -19.90 5.16 -10.26
CA TYR A 9 -19.59 4.19 -11.30
C TYR A 9 -19.55 4.91 -12.64
N THR A 10 -18.98 4.23 -13.62
CA THR A 10 -18.99 4.67 -15.00
C THR A 10 -19.54 3.54 -15.86
N THR A 11 -19.92 3.88 -17.08
CA THR A 11 -20.47 2.94 -18.03
C THR A 11 -19.50 2.79 -19.20
N LEU A 12 -19.17 1.55 -19.54
CA LEU A 12 -18.24 1.31 -20.63
C LEU A 12 -18.88 1.68 -21.97
N GLU A 13 -18.07 2.25 -22.86
CA GLU A 13 -18.55 2.63 -24.19
C GLU A 13 -19.01 1.39 -24.95
N LYS A 14 -18.20 0.33 -24.93
CA LYS A 14 -18.58 -0.94 -25.53
C LYS A 14 -18.78 -1.96 -24.42
N PRO A 15 -20.00 -2.42 -24.17
CA PRO A 15 -20.20 -3.46 -23.15
C PRO A 15 -19.62 -4.79 -23.61
N VAL A 16 -19.27 -5.62 -22.64
CA VAL A 16 -18.67 -6.93 -22.88
C VAL A 16 -19.74 -7.98 -22.59
N ALA A 17 -20.28 -8.58 -23.65
CA ALA A 17 -21.27 -9.62 -23.48
C ALA A 17 -20.64 -10.89 -22.96
N GLY A 18 -21.40 -11.61 -22.12
CA GLY A 18 -20.90 -12.85 -21.57
C GLY A 18 -19.85 -12.71 -20.49
N ALA A 19 -19.63 -11.50 -19.99
CA ALA A 19 -18.64 -11.29 -18.95
C ALA A 19 -19.16 -11.84 -17.62
N PRO A 20 -18.25 -12.18 -16.70
CA PRO A 20 -18.69 -12.61 -15.36
C PRO A 20 -19.52 -11.53 -14.68
N GLN A 21 -20.43 -11.97 -13.81
CA GLN A 21 -21.34 -11.05 -13.14
C GLN A 21 -20.59 -9.98 -12.36
N VAL A 22 -19.63 -10.40 -11.54
CA VAL A 22 -18.79 -9.49 -10.76
C VAL A 22 -17.35 -9.86 -11.03
N LEU A 23 -16.63 -8.99 -11.73
CA LEU A 23 -15.26 -9.27 -12.17
C LEU A 23 -14.33 -8.23 -11.57
N GLU A 24 -13.39 -8.70 -10.74
CA GLU A 24 -12.37 -7.85 -10.14
C GLU A 24 -11.03 -8.09 -10.81
N PHE A 25 -10.25 -7.02 -10.95
CA PHE A 25 -8.88 -7.08 -11.44
C PHE A 25 -7.95 -6.51 -10.39
N PHE A 26 -6.80 -7.15 -10.19
CA PHE A 26 -5.84 -6.68 -9.20
C PHE A 26 -4.43 -7.06 -9.64
N SER A 27 -3.45 -6.52 -8.92
CA SER A 27 -2.08 -6.99 -9.06
C SER A 27 -1.41 -6.96 -7.70
N PHE A 28 -0.50 -7.90 -7.47
CA PHE A 28 0.22 -7.91 -6.20
C PHE A 28 1.21 -6.76 -6.09
N PHE A 29 1.45 -6.02 -7.17
CA PHE A 29 2.25 -4.80 -7.13
C PHE A 29 1.42 -3.55 -6.88
N CYS A 30 0.11 -3.68 -6.90
CA CYS A 30 -0.79 -2.55 -6.84
C CYS A 30 -1.03 -2.15 -5.38
N PRO A 31 -0.66 -0.92 -4.97
CA PRO A 31 -0.75 -0.59 -3.54
C PRO A 31 -2.17 -0.50 -3.02
N HIS A 32 -3.10 0.10 -3.78
CA HIS A 32 -4.47 0.14 -3.31
C HIS A 32 -5.09 -1.25 -3.26
N CYS A 33 -4.63 -2.16 -4.15
CA CYS A 33 -5.07 -3.55 -4.08
C CYS A 33 -4.67 -4.20 -2.77
N TYR A 34 -3.50 -3.83 -2.23
CA TYR A 34 -3.09 -4.32 -0.91
C TYR A 34 -4.08 -3.88 0.16
N GLN A 35 -4.48 -2.60 0.13
CA GLN A 35 -5.50 -2.11 1.04
C GLN A 35 -6.82 -2.85 0.83
N PHE A 36 -7.21 -3.08 -0.43
CA PHE A 36 -8.50 -3.69 -0.71
C PHE A 36 -8.59 -5.10 -0.13
N GLU A 37 -7.46 -5.80 -0.07
CA GLU A 37 -7.42 -7.16 0.47
C GLU A 37 -7.24 -7.16 1.99
N GLU A 38 -6.16 -6.54 2.47
CA GLU A 38 -5.78 -6.73 3.88
C GLU A 38 -6.51 -5.81 4.83
N VAL A 39 -6.83 -4.59 4.41
CA VAL A 39 -7.37 -3.57 5.30
C VAL A 39 -8.88 -3.42 5.14
N LEU A 40 -9.36 -3.39 3.90
CA LEU A 40 -10.77 -3.15 3.58
C LEU A 40 -11.57 -4.42 3.34
N HIS A 41 -10.93 -5.48 2.83
CA HIS A 41 -11.61 -6.74 2.54
C HIS A 41 -12.81 -6.49 1.62
N ILE A 42 -12.52 -5.88 0.47
CA ILE A 42 -13.56 -5.42 -0.45
C ILE A 42 -14.33 -6.61 -1.00
N SER A 43 -13.62 -7.64 -1.46
CA SER A 43 -14.26 -8.79 -2.07
C SER A 43 -15.21 -9.48 -1.11
N ASP A 44 -14.79 -9.64 0.15
N ASP A 44 -14.78 -9.65 0.15
CA ASP A 44 -15.64 -10.32 1.11
CA ASP A 44 -15.63 -10.31 1.14
C ASP A 44 -16.91 -9.51 1.41
C ASP A 44 -16.90 -9.51 1.40
N ASN A 45 -16.76 -8.20 1.59
CA ASN A 45 -17.92 -7.37 1.89
C ASN A 45 -18.84 -7.24 0.69
N VAL A 46 -18.28 -7.24 -0.52
CA VAL A 46 -19.11 -7.24 -1.72
C VAL A 46 -19.88 -8.55 -1.82
N LYS A 47 -19.18 -9.68 -1.68
CA LYS A 47 -19.84 -10.98 -1.75
C LYS A 47 -20.98 -11.07 -0.74
N LYS A 48 -20.77 -10.54 0.47
CA LYS A 48 -21.80 -10.60 1.49
C LYS A 48 -23.07 -9.88 1.05
N LYS A 49 -22.93 -8.72 0.41
CA LYS A 49 -24.07 -7.91 0.02
C LYS A 49 -24.73 -8.40 -1.25
N LEU A 50 -24.25 -9.49 -1.85
CA LEU A 50 -24.82 -10.06 -3.06
C LEU A 50 -25.64 -11.30 -2.72
N PRO A 51 -26.54 -11.74 -3.60
CA PRO A 51 -27.32 -12.95 -3.33
C PRO A 51 -26.44 -14.19 -3.21
N GLU A 52 -27.00 -15.22 -2.60
CA GLU A 52 -26.27 -16.45 -2.33
C GLU A 52 -25.95 -17.18 -3.63
N GLY A 53 -24.67 -17.51 -3.82
CA GLY A 53 -24.24 -18.28 -4.97
C GLY A 53 -23.92 -17.49 -6.22
N VAL A 54 -24.01 -16.15 -6.17
CA VAL A 54 -23.63 -15.33 -7.31
C VAL A 54 -22.14 -15.46 -7.55
N LYS A 55 -21.75 -15.63 -8.81
CA LYS A 55 -20.36 -15.86 -9.15
C LYS A 55 -19.57 -14.57 -9.11
N MET A 56 -18.46 -14.58 -8.37
CA MET A 56 -17.50 -13.48 -8.34
C MET A 56 -16.18 -13.99 -8.88
N THR A 57 -15.55 -13.18 -9.73
CA THR A 57 -14.31 -13.54 -10.40
C THR A 57 -13.26 -12.49 -10.09
N LYS A 58 -12.05 -12.97 -9.80
CA LYS A 58 -10.91 -12.10 -9.49
C LYS A 58 -9.74 -12.53 -10.34
N TYR A 59 -9.20 -11.61 -11.13
CA TYR A 59 -8.13 -11.88 -12.07
C TYR A 59 -6.94 -10.97 -11.80
N HIS A 60 -5.74 -11.50 -12.05
CA HIS A 60 -4.50 -10.76 -11.97
C HIS A 60 -4.17 -10.14 -13.34
N VAL A 61 -3.36 -9.07 -13.31
CA VAL A 61 -3.01 -8.33 -14.51
C VAL A 61 -1.50 -8.31 -14.69
N ASN A 62 -1.08 -8.12 -15.94
CA ASN A 62 0.34 -8.16 -16.30
C ASN A 62 1.02 -6.79 -16.28
N PHE A 63 0.29 -5.69 -16.38
CA PHE A 63 0.92 -4.41 -16.71
C PHE A 63 1.68 -3.78 -15.54
N MET A 64 1.81 -4.46 -14.42
CA MET A 64 2.62 -3.97 -13.30
C MET A 64 3.68 -5.00 -12.98
N GLY A 65 4.93 -4.55 -12.85
CA GLY A 65 5.99 -5.40 -12.36
C GLY A 65 6.75 -6.19 -13.41
N GLY A 66 6.63 -5.85 -14.68
CA GLY A 66 7.47 -6.49 -15.71
C GLY A 66 7.40 -8.00 -15.70
N ASP A 67 8.57 -8.64 -15.66
CA ASP A 67 8.66 -10.10 -15.72
C ASP A 67 7.94 -10.75 -14.54
N LEU A 68 8.19 -10.26 -13.33
CA LEU A 68 7.56 -10.82 -12.14
C LEU A 68 6.04 -10.59 -12.15
N GLY A 69 5.57 -9.52 -12.80
CA GLY A 69 4.14 -9.33 -12.92
C GLY A 69 3.47 -10.44 -13.72
N LYS A 70 4.12 -10.88 -14.79
CA LYS A 70 3.58 -12.00 -15.58
C LYS A 70 3.70 -13.32 -14.84
N ASP A 71 4.80 -13.52 -14.10
CA ASP A 71 4.91 -14.69 -13.25
C ASP A 71 3.77 -14.75 -12.24
N LEU A 72 3.37 -13.59 -11.71
CA LEU A 72 2.34 -13.59 -10.69
C LEU A 72 0.96 -13.87 -11.28
N THR A 73 0.75 -13.55 -12.57
CA THR A 73 -0.50 -13.91 -13.23
C THR A 73 -0.58 -15.42 -13.46
N GLN A 74 0.53 -16.03 -13.87
CA GLN A 74 0.56 -17.49 -13.98
C GLN A 74 0.39 -18.15 -12.60
N ALA A 75 1.02 -17.59 -11.57
CA ALA A 75 0.84 -18.13 -10.21
C ALA A 75 -0.60 -17.96 -9.73
N TRP A 76 -1.24 -16.82 -10.04
CA TRP A 76 -2.64 -16.68 -9.68
C TRP A 76 -3.50 -17.72 -10.40
N ALA A 77 -3.15 -18.02 -11.66
CA ALA A 77 -3.82 -19.11 -12.37
C ALA A 77 -3.64 -20.44 -11.65
N VAL A 78 -2.44 -20.67 -11.09
CA VAL A 78 -2.20 -21.87 -10.30
C VAL A 78 -3.07 -21.87 -9.05
N ALA A 79 -3.12 -20.74 -8.35
CA ALA A 79 -3.98 -20.60 -7.18
C ALA A 79 -5.42 -20.92 -7.52
N MET A 80 -5.91 -20.43 -8.67
CA MET A 80 -7.31 -20.65 -9.03
C MET A 80 -7.56 -22.12 -9.41
N ALA A 81 -6.61 -22.72 -10.13
CA ALA A 81 -6.77 -24.13 -10.52
C ALA A 81 -6.77 -25.04 -9.31
N LEU A 82 -5.90 -24.77 -8.33
CA LEU A 82 -5.84 -25.58 -7.12
C LEU A 82 -6.85 -25.14 -6.06
N GLY A 83 -7.47 -23.98 -6.24
CA GLY A 83 -8.44 -23.50 -5.27
C GLY A 83 -7.82 -23.05 -3.97
N VAL A 84 -6.67 -22.39 -4.03
CA VAL A 84 -5.93 -22.02 -2.83
C VAL A 84 -5.71 -20.52 -2.77
N GLU A 85 -6.60 -19.77 -3.42
CA GLU A 85 -6.52 -18.30 -3.40
C GLU A 85 -6.48 -17.76 -1.97
N ASP A 86 -7.34 -18.30 -1.09
CA ASP A 86 -7.41 -17.81 0.27
C ASP A 86 -6.19 -18.14 1.10
N LYS A 87 -5.28 -18.98 0.61
CA LYS A 87 -4.09 -19.36 1.35
C LYS A 87 -2.84 -18.60 0.93
N VAL A 88 -2.79 -18.10 -0.31
CA VAL A 88 -1.60 -17.44 -0.82
C VAL A 88 -1.77 -15.95 -1.02
N THR A 89 -3.01 -15.43 -1.00
CA THR A 89 -3.22 -14.01 -1.33
C THR A 89 -2.43 -13.10 -0.38
N VAL A 90 -2.59 -13.31 0.93
CA VAL A 90 -1.88 -12.46 1.90
C VAL A 90 -0.36 -12.60 1.77
N PRO A 91 0.23 -13.81 1.86
CA PRO A 91 1.70 -13.88 1.75
C PRO A 91 2.24 -13.39 0.41
N LEU A 92 1.48 -13.48 -0.67
CA LEU A 92 1.96 -12.92 -1.93
C LEU A 92 1.98 -11.39 -1.86
N PHE A 93 0.94 -10.79 -1.29
CA PHE A 93 0.90 -9.33 -1.14
C PHE A 93 2.02 -8.84 -0.24
N GLU A 94 2.17 -9.45 0.94
CA GLU A 94 3.23 -9.03 1.85
C GLU A 94 4.62 -9.35 1.28
N GLY A 95 4.75 -10.47 0.58
CA GLY A 95 6.03 -10.78 -0.03
C GLY A 95 6.45 -9.79 -1.09
N VAL A 96 5.49 -9.24 -1.82
CA VAL A 96 5.82 -8.28 -2.87
C VAL A 96 5.99 -6.87 -2.29
N GLN A 97 5.07 -6.42 -1.43
CA GLN A 97 5.03 -5.01 -1.03
C GLN A 97 5.55 -4.74 0.37
N LYS A 98 5.42 -5.68 1.30
CA LYS A 98 5.82 -5.42 2.70
C LYS A 98 7.27 -5.82 2.94
N THR A 99 7.55 -7.13 2.93
CA THR A 99 8.90 -7.60 3.18
C THR A 99 9.79 -7.53 1.95
N GLN A 100 9.20 -7.49 0.76
CA GLN A 100 9.92 -7.45 -0.50
C GLN A 100 10.89 -8.62 -0.62
N THR A 101 10.40 -9.81 -0.30
CA THR A 101 11.16 -11.05 -0.41
C THR A 101 10.81 -11.85 -1.65
N ILE A 102 9.89 -11.35 -2.47
CA ILE A 102 9.51 -12.02 -3.71
C ILE A 102 10.19 -11.27 -4.84
N ARG A 103 11.23 -11.87 -5.42
CA ARG A 103 11.95 -11.25 -6.52
C ARG A 103 12.12 -12.17 -7.71
N SER A 104 11.56 -13.37 -7.66
CA SER A 104 11.73 -14.36 -8.71
C SER A 104 10.56 -15.32 -8.64
N ALA A 105 10.40 -16.10 -9.71
CA ALA A 105 9.36 -17.13 -9.74
C ALA A 105 9.56 -18.17 -8.66
N SER A 106 10.82 -18.45 -8.30
CA SER A 106 11.08 -19.40 -7.22
C SER A 106 10.58 -18.87 -5.89
N ASP A 107 10.74 -17.56 -5.65
CA ASP A 107 10.25 -16.96 -4.41
C ASP A 107 8.73 -17.03 -4.34
N ILE A 108 8.05 -16.88 -5.49
CA ILE A 108 6.61 -17.08 -5.51
C ILE A 108 6.28 -18.52 -5.15
N ARG A 109 7.01 -19.47 -5.75
CA ARG A 109 6.80 -20.88 -5.45
C ARG A 109 6.95 -21.15 -3.94
N ASP A 110 7.91 -20.49 -3.30
CA ASP A 110 8.14 -20.72 -1.87
C ASP A 110 6.92 -20.35 -1.04
N VAL A 111 6.18 -19.32 -1.46
CA VAL A 111 4.95 -18.92 -0.78
C VAL A 111 3.93 -20.06 -0.82
N PHE A 112 3.80 -20.72 -1.97
CA PHE A 112 2.87 -21.85 -2.08
C PHE A 112 3.33 -23.03 -1.24
N ILE A 113 4.64 -23.33 -1.25
CA ILE A 113 5.18 -24.42 -0.44
C ILE A 113 4.97 -24.15 1.05
N ASN A 114 5.20 -22.91 1.46
CA ASN A 114 4.94 -22.54 2.86
C ASN A 114 3.45 -22.59 3.17
N ALA A 115 2.58 -22.37 2.18
CA ALA A 115 1.14 -22.46 2.40
C ALA A 115 0.64 -23.90 2.46
N GLY A 116 1.48 -24.88 2.14
CA GLY A 116 1.11 -26.27 2.24
C GLY A 116 0.90 -26.98 0.93
N ILE A 117 1.06 -26.30 -0.20
CA ILE A 117 0.93 -26.95 -1.50
C ILE A 117 2.22 -27.71 -1.80
N LYS A 118 2.09 -28.98 -2.17
CA LYS A 118 3.25 -29.81 -2.42
C LYS A 118 4.01 -29.34 -3.65
N GLY A 119 5.32 -29.59 -3.66
CA GLY A 119 6.16 -29.14 -4.75
C GLY A 119 5.75 -29.73 -6.09
N GLU A 120 5.61 -31.06 -6.14
CA GLU A 120 5.16 -31.69 -7.37
C GLU A 120 3.80 -31.17 -7.80
N GLU A 121 2.93 -30.86 -6.83
CA GLU A 121 1.59 -30.36 -7.15
C GLU A 121 1.66 -28.97 -7.75
N TYR A 122 2.51 -28.10 -7.19
CA TYR A 122 2.63 -26.75 -7.73
C TYR A 122 3.29 -26.75 -9.10
N ASP A 123 4.34 -27.57 -9.28
CA ASP A 123 5.06 -27.52 -10.54
C ASP A 123 4.23 -28.11 -11.68
N ALA A 124 3.49 -29.19 -11.40
CA ALA A 124 2.60 -29.77 -12.41
C ALA A 124 1.53 -28.77 -12.84
N ALA A 125 0.89 -28.11 -11.88
CA ALA A 125 -0.09 -27.09 -12.21
C ALA A 125 0.55 -25.95 -13.00
N TRP A 126 1.72 -25.48 -12.54
CA TRP A 126 2.39 -24.36 -13.19
C TRP A 126 2.61 -24.62 -14.68
N ASN A 127 2.97 -25.85 -15.03
CA ASN A 127 3.24 -26.23 -16.41
C ASN A 127 2.04 -26.83 -17.13
N SER A 128 0.87 -26.84 -16.50
CA SER A 128 -0.29 -27.49 -17.11
C SER A 128 -0.95 -26.56 -18.12
N PHE A 129 -1.56 -27.17 -19.15
CA PHE A 129 -2.30 -26.39 -20.13
C PHE A 129 -3.62 -25.88 -19.57
N VAL A 130 -4.12 -26.48 -18.48
CA VAL A 130 -5.25 -25.92 -17.78
C VAL A 130 -4.89 -24.54 -17.21
N VAL A 131 -3.66 -24.39 -16.73
CA VAL A 131 -3.23 -23.09 -16.21
C VAL A 131 -2.94 -22.13 -17.36
N LYS A 132 -2.37 -22.63 -18.46
CA LYS A 132 -2.20 -21.83 -19.66
C LYS A 132 -3.53 -21.21 -20.11
N SER A 133 -4.60 -22.01 -20.12
CA SER A 133 -5.91 -21.49 -20.48
C SER A 133 -6.41 -20.49 -19.44
N LEU A 134 -6.12 -20.75 -18.16
CA LEU A 134 -6.51 -19.82 -17.10
C LEU A 134 -5.78 -18.49 -17.24
N VAL A 135 -4.52 -18.53 -17.66
CA VAL A 135 -3.79 -17.30 -17.93
C VAL A 135 -4.42 -16.55 -19.09
N ALA A 136 -4.83 -17.26 -20.14
CA ALA A 136 -5.44 -16.60 -21.29
C ALA A 136 -6.76 -15.95 -20.91
N GLN A 137 -7.53 -16.57 -20.03
CA GLN A 137 -8.80 -15.98 -19.60
C GLN A 137 -8.57 -14.69 -18.84
N GLN A 138 -7.53 -14.64 -18.01
CA GLN A 138 -7.22 -13.41 -17.30
C GLN A 138 -6.84 -12.31 -18.27
N GLU A 139 -6.00 -12.63 -19.25
CA GLU A 139 -5.61 -11.65 -20.27
C GLU A 139 -6.80 -11.24 -21.12
N LYS A 140 -7.63 -12.20 -21.53
N LYS A 140 -7.63 -12.20 -21.53
CA LYS A 140 -8.77 -11.87 -22.39
CA LYS A 140 -8.77 -11.87 -22.39
C LYS A 140 -9.75 -10.94 -21.69
C LYS A 140 -9.74 -10.94 -21.68
N ALA A 141 -9.99 -11.17 -20.39
CA ALA A 141 -10.96 -10.34 -19.67
C ALA A 141 -10.44 -8.91 -19.50
N ALA A 142 -9.14 -8.77 -19.23
CA ALA A 142 -8.55 -7.44 -19.10
C ALA A 142 -8.53 -6.71 -20.45
N ALA A 143 -8.15 -7.42 -21.51
CA ALA A 143 -8.14 -6.80 -22.84
C ALA A 143 -9.54 -6.44 -23.31
N ASP A 144 -10.57 -7.14 -22.83
CA ASP A 144 -11.93 -6.86 -23.25
C ASP A 144 -12.38 -5.47 -22.83
N VAL A 145 -11.83 -4.95 -21.73
CA VAL A 145 -12.22 -3.62 -21.25
C VAL A 145 -11.05 -2.63 -21.29
N GLN A 146 -10.00 -2.94 -22.05
CA GLN A 146 -8.85 -2.06 -22.19
C GLN A 146 -8.35 -1.58 -20.83
N LEU A 147 -8.12 -2.54 -19.93
CA LEU A 147 -7.77 -2.23 -18.56
C LEU A 147 -6.38 -1.61 -18.48
N ARG A 148 -6.30 -0.41 -17.90
CA ARG A 148 -5.02 0.26 -17.71
C ARG A 148 -4.75 0.60 -16.25
N GLY A 149 -5.64 0.24 -15.33
CA GLY A 149 -5.42 0.53 -13.93
C GLY A 149 -6.11 -0.45 -13.01
N VAL A 150 -5.47 -0.73 -11.87
CA VAL A 150 -6.05 -1.59 -10.83
C VAL A 150 -5.96 -0.84 -9.51
N PRO A 151 -6.83 -1.12 -8.53
CA PRO A 151 -7.90 -2.12 -8.56
C PRO A 151 -9.06 -1.69 -9.47
N ALA A 152 -9.84 -2.65 -9.96
CA ALA A 152 -10.98 -2.36 -10.81
C ALA A 152 -12.02 -3.46 -10.65
N MET A 153 -13.29 -3.07 -10.63
CA MET A 153 -14.38 -4.02 -10.58
C MET A 153 -15.38 -3.69 -11.68
N PHE A 154 -15.87 -4.74 -12.35
CA PHE A 154 -16.85 -4.58 -13.42
C PHE A 154 -18.06 -5.45 -13.11
N VAL A 155 -19.24 -4.90 -13.37
CA VAL A 155 -20.51 -5.57 -13.08
C VAL A 155 -21.21 -5.87 -14.40
N ASN A 156 -21.38 -7.16 -14.69
CA ASN A 156 -22.08 -7.62 -15.89
C ASN A 156 -21.48 -7.06 -17.18
N GLY A 157 -20.18 -6.77 -17.16
CA GLY A 157 -19.51 -6.29 -18.36
C GLY A 157 -20.02 -4.99 -18.91
N LYS A 158 -20.73 -4.18 -18.10
CA LYS A 158 -21.27 -2.90 -18.56
C LYS A 158 -20.99 -1.72 -17.63
N TYR A 159 -20.68 -1.94 -16.35
CA TYR A 159 -20.47 -0.86 -15.42
C TYR A 159 -19.14 -1.04 -14.69
N GLN A 160 -18.42 0.05 -14.48
CA GLN A 160 -17.13 0.02 -13.81
C GLN A 160 -17.23 0.84 -12.53
N LEU A 161 -16.77 0.26 -11.43
CA LEU A 161 -16.81 0.95 -10.15
C LEU A 161 -15.91 2.18 -10.18
N ASN A 162 -16.34 3.23 -9.47
CA ASN A 162 -15.59 4.48 -9.40
C ASN A 162 -15.37 4.85 -7.94
N PRO A 163 -14.39 4.21 -7.28
CA PRO A 163 -14.17 4.49 -5.85
C PRO A 163 -13.67 5.89 -5.59
N GLN A 164 -13.07 6.56 -6.58
CA GLN A 164 -12.65 7.94 -6.40
C GLN A 164 -13.83 8.88 -6.13
N GLY A 165 -15.05 8.48 -6.49
CA GLY A 165 -16.23 9.27 -6.27
C GLY A 165 -16.98 8.97 -4.99
N MET A 166 -16.40 8.16 -4.11
CA MET A 166 -16.98 7.82 -2.81
C MET A 166 -16.24 8.56 -1.71
N ASP A 167 -16.72 8.40 -0.48
CA ASP A 167 -16.11 9.02 0.70
C ASP A 167 -14.98 8.15 1.23
N THR A 168 -13.84 8.77 1.52
CA THR A 168 -12.67 8.06 2.04
C THR A 168 -12.28 8.54 3.43
N SER A 169 -13.14 9.30 4.11
CA SER A 169 -12.83 9.71 5.47
C SER A 169 -12.88 8.51 6.43
N ASN A 170 -13.89 7.68 6.27
CA ASN A 170 -14.10 6.52 7.12
C ASN A 170 -13.94 5.26 6.27
N MET A 171 -12.99 4.41 6.65
CA MET A 171 -12.73 3.17 5.91
C MET A 171 -13.98 2.30 5.84
N ASP A 172 -14.72 2.21 6.95
CA ASP A 172 -15.87 1.32 6.98
C ASP A 172 -17.01 1.87 6.12
N VAL A 173 -17.19 3.19 6.12
CA VAL A 173 -18.22 3.79 5.29
C VAL A 173 -17.89 3.63 3.82
N PHE A 174 -16.60 3.75 3.46
CA PHE A 174 -16.19 3.57 2.08
C PHE A 174 -16.52 2.17 1.59
N VAL A 175 -16.16 1.15 2.39
CA VAL A 175 -16.44 -0.23 2.01
C VAL A 175 -17.93 -0.44 1.82
N GLN A 176 -18.73 0.09 2.75
N GLN A 176 -18.75 0.10 2.73
CA GLN A 176 -20.19 -0.04 2.69
CA GLN A 176 -20.18 -0.12 2.63
C GLN A 176 -20.73 0.62 1.43
C GLN A 176 -20.78 0.62 1.44
N GLN A 177 -20.26 1.84 1.14
N GLN A 177 -20.26 1.82 1.15
CA GLN A 177 -20.68 2.54 -0.08
CA GLN A 177 -20.68 2.52 -0.07
C GLN A 177 -20.27 1.77 -1.32
C GLN A 177 -20.27 1.75 -1.31
N TYR A 178 -19.07 1.17 -1.29
CA TYR A 178 -18.60 0.39 -2.43
C TYR A 178 -19.49 -0.83 -2.66
N ALA A 179 -19.77 -1.59 -1.59
CA ALA A 179 -20.54 -2.82 -1.72
C ALA A 179 -21.99 -2.54 -2.11
N ASP A 180 -22.57 -1.48 -1.55
CA ASP A 180 -23.94 -1.12 -1.92
C ASP A 180 -24.02 -0.71 -3.38
N THR A 181 -22.96 -0.08 -3.90
CA THR A 181 -22.96 0.28 -5.33
C THR A 181 -22.91 -0.96 -6.21
N VAL A 182 -22.11 -1.96 -5.81
CA VAL A 182 -22.07 -3.21 -6.55
C VAL A 182 -23.44 -3.87 -6.53
N LYS A 183 -24.08 -3.90 -5.36
CA LYS A 183 -25.42 -4.48 -5.26
C LYS A 183 -26.41 -3.71 -6.14
N TYR A 184 -26.32 -2.37 -6.14
CA TYR A 184 -27.21 -1.56 -6.97
C TYR A 184 -27.02 -1.88 -8.44
N LEU A 185 -25.76 -1.93 -8.90
CA LEU A 185 -25.50 -2.25 -10.30
C LEU A 185 -25.87 -3.68 -10.63
N SER A 186 -25.73 -4.60 -9.67
CA SER A 186 -26.13 -5.98 -9.89
C SER A 186 -27.61 -6.07 -10.25
N GLU A 187 -28.46 -5.27 -9.61
CA GLU A 187 -29.90 -5.32 -9.83
C GLU A 187 -30.34 -4.55 -11.06
N LYS A 188 -29.44 -3.80 -11.69
CA LYS A 188 -29.77 -3.01 -12.88
C LYS A 188 -30.23 -3.89 -14.03
N ALA B 1 35.01 3.17 -7.06
CA ALA B 1 34.76 3.37 -5.66
C ALA B 1 33.68 2.43 -5.15
N GLN B 2 33.61 2.28 -3.83
CA GLN B 2 32.57 1.45 -3.23
C GLN B 2 31.19 2.06 -3.44
N TYR B 3 31.05 3.36 -3.20
CA TYR B 3 29.81 4.07 -3.41
C TYR B 3 29.78 4.64 -4.82
N GLU B 4 28.67 4.41 -5.53
CA GLU B 4 28.48 4.92 -6.88
C GLU B 4 27.13 5.60 -6.97
N ASP B 5 27.11 6.80 -7.54
CA ASP B 5 25.84 7.50 -7.77
C ASP B 5 24.95 6.66 -8.67
N GLY B 6 23.70 6.45 -8.25
CA GLY B 6 22.77 5.61 -8.94
C GLY B 6 22.70 4.19 -8.39
N LYS B 7 23.68 3.78 -7.59
CA LYS B 7 23.65 2.48 -6.93
C LYS B 7 22.93 2.59 -5.59
N GLN B 8 23.55 3.28 -4.63
CA GLN B 8 23.01 3.42 -3.29
C GLN B 8 22.28 4.73 -3.06
N TYR B 9 22.38 5.69 -3.97
CA TYR B 9 21.81 7.01 -3.73
C TYR B 9 21.60 7.73 -5.06
N THR B 10 20.80 8.79 -5.01
CA THR B 10 20.59 9.70 -6.13
C THR B 10 20.71 11.13 -5.63
N THR B 11 20.90 12.06 -6.56
CA THR B 11 21.01 13.47 -6.24
C THR B 11 19.84 14.24 -6.82
N LEU B 12 19.31 15.18 -6.05
CA LEU B 12 18.16 15.97 -6.49
C LEU B 12 18.58 16.92 -7.60
N GLU B 13 17.77 16.98 -8.67
CA GLU B 13 18.08 17.86 -9.79
C GLU B 13 18.09 19.32 -9.34
N LYS B 14 17.05 19.74 -8.61
CA LYS B 14 16.98 21.07 -8.06
C LYS B 14 17.07 20.99 -6.54
N PRO B 15 18.06 21.63 -5.91
CA PRO B 15 18.22 21.50 -4.47
C PRO B 15 17.22 22.37 -3.71
N VAL B 16 16.92 21.95 -2.49
CA VAL B 16 16.04 22.68 -1.59
C VAL B 16 16.89 23.23 -0.45
N ALA B 17 16.96 24.56 -0.38
CA ALA B 17 17.74 25.22 0.65
C ALA B 17 16.97 25.24 1.97
N GLY B 18 17.68 25.04 3.07
CA GLY B 18 17.07 25.06 4.37
C GLY B 18 16.32 23.83 4.78
N ALA B 19 16.52 22.70 4.09
CA ALA B 19 15.85 21.47 4.45
C ALA B 19 16.47 20.86 5.71
N PRO B 20 15.71 20.05 6.44
CA PRO B 20 16.26 19.40 7.65
C PRO B 20 17.48 18.54 7.34
N GLN B 21 18.21 18.21 8.40
N GLN B 21 18.20 18.18 8.40
CA GLN B 21 19.44 17.41 8.28
CA GLN B 21 19.44 17.42 8.25
C GLN B 21 19.14 16.06 7.64
C GLN B 21 19.17 16.04 7.64
N VAL B 22 18.39 15.22 8.33
CA VAL B 22 17.96 13.93 7.81
C VAL B 22 16.46 13.84 8.02
N LEU B 23 15.70 13.92 6.92
CA LEU B 23 14.25 13.91 6.96
C LEU B 23 13.74 12.68 6.23
N GLU B 24 13.10 11.77 6.97
CA GLU B 24 12.48 10.58 6.40
C GLU B 24 10.98 10.78 6.33
N PHE B 25 10.36 10.27 5.27
CA PHE B 25 8.93 10.36 5.06
C PHE B 25 8.30 8.98 5.14
N PHE B 26 7.14 8.90 5.80
CA PHE B 26 6.46 7.63 5.97
C PHE B 26 4.95 7.86 5.95
N SER B 27 4.22 6.74 5.94
CA SER B 27 2.78 6.76 6.08
C SER B 27 2.37 5.56 6.92
N PHE B 28 1.31 5.74 7.70
CA PHE B 28 0.82 4.62 8.48
C PHE B 28 0.07 3.60 7.63
N PHE B 29 -0.25 3.93 6.38
CA PHE B 29 -0.80 3.00 5.40
C PHE B 29 0.28 2.28 4.60
N CYS B 30 1.53 2.67 4.76
CA CYS B 30 2.62 2.16 3.96
C CYS B 30 3.15 0.85 4.53
N PRO B 31 2.98 -0.27 3.82
CA PRO B 31 3.44 -1.56 4.36
C PRO B 31 4.95 -1.65 4.46
N HIS B 32 5.68 -1.10 3.49
CA HIS B 32 7.13 -1.12 3.57
C HIS B 32 7.66 -0.18 4.67
N CYS B 33 6.96 0.92 4.95
CA CYS B 33 7.39 1.78 6.06
C CYS B 33 7.19 1.09 7.39
N TYR B 34 6.09 0.36 7.52
CA TYR B 34 5.90 -0.55 8.65
C TYR B 34 7.11 -1.48 8.78
N GLN B 35 7.57 -2.03 7.66
CA GLN B 35 8.74 -2.91 7.67
C GLN B 35 10.02 -2.16 8.01
N PHE B 36 10.17 -0.94 7.49
CA PHE B 36 11.36 -0.14 7.77
C PHE B 36 11.47 0.23 9.25
N GLU B 37 10.35 0.61 9.87
CA GLU B 37 10.37 1.12 11.24
C GLU B 37 10.34 0.01 12.29
N GLU B 38 9.36 -0.90 12.19
CA GLU B 38 9.14 -1.89 13.24
C GLU B 38 10.00 -3.13 13.11
N VAL B 39 10.34 -3.53 11.88
CA VAL B 39 11.08 -4.76 11.66
C VAL B 39 12.55 -4.51 11.42
N LEU B 40 12.88 -3.68 10.43
CA LEU B 40 14.28 -3.46 10.06
C LEU B 40 14.98 -2.44 10.95
N HIS B 41 14.21 -1.60 11.65
CA HIS B 41 14.76 -0.53 12.48
C HIS B 41 15.75 0.32 11.69
N ILE B 42 15.28 0.86 10.57
CA ILE B 42 16.14 1.67 9.72
C ILE B 42 16.57 2.94 10.46
N SER B 43 15.60 3.64 11.06
CA SER B 43 15.91 4.88 11.77
C SER B 43 16.87 4.64 12.92
N ASP B 44 16.65 3.57 13.69
CA ASP B 44 17.55 3.26 14.80
C ASP B 44 18.98 3.07 14.32
N ASN B 45 19.16 2.25 13.29
CA ASN B 45 20.52 1.97 12.82
C ASN B 45 21.14 3.18 12.15
N VAL B 46 20.32 4.01 11.50
CA VAL B 46 20.84 5.28 10.98
C VAL B 46 21.25 6.20 12.12
N LYS B 47 20.40 6.27 13.16
CA LYS B 47 20.73 7.10 14.31
C LYS B 47 22.02 6.65 14.98
N LYS B 48 22.21 5.34 15.11
CA LYS B 48 23.42 4.82 15.74
C LYS B 48 24.69 5.27 15.01
N LYS B 49 24.60 5.45 13.70
CA LYS B 49 25.77 5.69 12.87
C LYS B 49 25.98 7.15 12.49
N LEU B 50 25.11 8.06 12.94
CA LEU B 50 25.34 9.43 12.50
C LEU B 50 26.10 10.22 13.56
N PRO B 51 26.87 11.25 13.16
CA PRO B 51 27.65 12.03 14.13
C PRO B 51 26.79 13.02 14.92
N GLY B 53 25.65 14.87 17.11
CA GLY B 53 24.49 15.60 17.60
C GLY B 53 23.47 15.91 16.51
N VAL B 54 23.57 15.20 15.39
CA VAL B 54 22.65 15.41 14.27
C VAL B 54 21.26 14.94 14.67
N LYS B 55 20.25 15.76 14.40
CA LYS B 55 18.88 15.45 14.74
C LYS B 55 18.19 14.72 13.59
N MET B 56 17.36 13.74 13.93
CA MET B 56 16.60 12.98 12.95
C MET B 56 15.16 13.48 12.94
N THR B 57 14.66 13.81 11.75
CA THR B 57 13.30 14.31 11.57
C THR B 57 12.51 13.32 10.72
N LYS B 58 11.24 13.11 11.09
CA LYS B 58 10.36 12.18 10.38
C LYS B 58 9.00 12.84 10.17
N TYR B 59 8.54 12.86 8.93
CA TYR B 59 7.26 13.48 8.58
C TYR B 59 6.30 12.43 8.02
N HIS B 60 5.01 12.68 8.19
CA HIS B 60 3.96 11.83 7.64
C HIS B 60 3.44 12.43 6.33
N VAL B 61 2.92 11.57 5.45
CA VAL B 61 2.40 12.03 4.15
C VAL B 61 0.93 11.65 4.02
N ASN B 62 0.17 12.51 3.35
CA ASN B 62 -1.28 12.35 3.27
C ASN B 62 -1.75 11.47 2.11
N PHE B 63 -0.88 11.21 1.12
CA PHE B 63 -1.32 10.78 -0.20
C PHE B 63 -1.61 9.28 -0.32
N MET B 64 -1.78 8.57 0.80
CA MET B 64 -2.04 7.14 0.77
C MET B 64 -3.47 6.79 1.17
N GLY B 65 -3.97 7.32 2.28
CA GLY B 65 -5.29 6.96 2.77
C GLY B 65 -6.36 8.01 2.61
N GLY B 66 -6.27 8.81 1.55
CA GLY B 66 -7.31 9.80 1.28
C GLY B 66 -7.46 10.79 2.41
N ASP B 67 -8.71 11.00 2.82
CA ASP B 67 -8.99 11.93 3.92
C ASP B 67 -8.43 11.41 5.23
N LEU B 68 -8.51 10.09 5.45
CA LEU B 68 -7.93 9.51 6.66
C LEU B 68 -6.42 9.67 6.68
N GLY B 69 -5.77 9.68 5.51
CA GLY B 69 -4.34 9.96 5.47
C GLY B 69 -4.02 11.35 5.97
N LYS B 70 -4.89 12.32 5.68
CA LYS B 70 -4.67 13.68 6.15
C LYS B 70 -4.86 13.79 7.66
N ASP B 71 -5.84 13.06 8.22
CA ASP B 71 -6.03 13.06 9.67
C ASP B 71 -4.81 12.48 10.38
N LEU B 72 -4.20 11.45 9.79
CA LEU B 72 -3.05 10.82 10.43
C LEU B 72 -1.82 11.72 10.42
N THR B 73 -1.71 12.59 9.43
CA THR B 73 -0.61 13.56 9.42
C THR B 73 -0.81 14.61 10.51
N GLN B 74 -2.02 15.17 10.61
CA GLN B 74 -2.33 16.08 11.71
C GLN B 74 -2.09 15.40 13.06
N ALA B 75 -2.36 14.10 13.13
CA ALA B 75 -2.07 13.35 14.35
C ALA B 75 -0.58 13.24 14.59
N TRP B 76 0.20 13.00 13.53
CA TRP B 76 1.65 12.95 13.67
C TRP B 76 2.21 14.31 14.09
N ALA B 77 1.57 15.40 13.67
CA ALA B 77 1.94 16.72 14.17
C ALA B 77 1.67 16.82 15.66
N VAL B 78 0.55 16.26 16.12
CA VAL B 78 0.26 16.24 17.55
C VAL B 78 1.30 15.40 18.30
N ALA B 79 1.67 14.26 17.73
CA ALA B 79 2.69 13.42 18.35
C ALA B 79 4.02 14.17 18.47
N MET B 80 4.39 14.91 17.43
CA MET B 80 5.61 15.70 17.50
C MET B 80 5.48 16.86 18.48
N ALA B 81 4.31 17.51 18.50
CA ALA B 81 4.10 18.64 19.39
C ALA B 81 4.05 18.21 20.84
N LEU B 82 3.45 17.04 21.12
CA LEU B 82 3.42 16.51 22.47
C LEU B 82 4.65 15.68 22.81
N GLY B 83 5.52 15.41 21.85
CA GLY B 83 6.69 14.58 22.09
C GLY B 83 6.37 13.15 22.47
N VAL B 84 5.42 12.52 21.77
CA VAL B 84 5.00 11.17 22.11
C VAL B 84 5.14 10.24 20.91
N GLU B 85 6.10 10.53 20.03
CA GLU B 85 6.35 9.65 18.89
C GLU B 85 6.70 8.23 19.34
N ASP B 86 7.48 8.11 20.41
CA ASP B 86 7.90 6.80 20.91
C ASP B 86 6.84 6.12 21.74
N LYS B 87 5.61 6.65 21.76
CA LYS B 87 4.51 6.03 22.47
C LYS B 87 3.32 5.68 21.59
N VAL B 88 3.13 6.38 20.46
CA VAL B 88 1.96 6.17 19.61
C VAL B 88 2.28 5.49 18.29
N THR B 89 3.56 5.37 17.92
CA THR B 89 3.90 4.83 16.61
C THR B 89 3.43 3.39 16.44
N VAL B 90 3.75 2.52 17.41
CA VAL B 90 3.32 1.12 17.32
C VAL B 90 1.80 1.00 17.30
N PRO B 91 1.04 1.58 18.25
CA PRO B 91 -0.42 1.42 18.18
C PRO B 91 -1.05 2.08 16.96
N LEU B 92 -0.41 3.10 16.38
CA LEU B 92 -0.93 3.68 15.14
C LEU B 92 -0.66 2.77 13.96
N PHE B 93 0.57 2.25 13.84
CA PHE B 93 0.86 1.30 12.78
C PHE B 93 -0.01 0.06 12.93
N GLU B 94 -0.01 -0.56 14.10
CA GLU B 94 -0.82 -1.74 14.34
C GLU B 94 -2.31 -1.44 14.16
N GLY B 95 -2.75 -0.25 14.56
CA GLY B 95 -4.16 0.10 14.46
C GLY B 95 -4.63 0.26 13.03
N VAL B 96 -3.78 0.79 12.15
CA VAL B 96 -4.12 0.96 10.75
C VAL B 96 -3.96 -0.34 9.96
N GLN B 97 -2.80 -1.00 10.10
CA GLN B 97 -2.46 -2.12 9.25
C GLN B 97 -2.72 -3.49 9.88
N LYS B 98 -2.54 -3.62 11.18
CA LYS B 98 -2.59 -4.95 11.80
C LYS B 98 -3.95 -5.23 12.43
N THR B 99 -4.26 -4.55 13.54
CA THR B 99 -5.53 -4.78 14.22
C THR B 99 -6.70 -4.12 13.51
N GLN B 100 -6.45 -3.18 12.61
CA GLN B 100 -7.50 -2.52 11.84
C GLN B 100 -8.54 -1.88 12.77
N THR B 101 -8.04 -1.22 13.80
CA THR B 101 -8.86 -0.49 14.77
C THR B 101 -8.94 0.99 14.44
N ILE B 102 -8.11 1.47 13.53
CA ILE B 102 -8.06 2.88 13.15
C ILE B 102 -8.77 3.01 11.82
N ARG B 103 -10.02 3.48 11.86
CA ARG B 103 -10.81 3.66 10.66
C ARG B 103 -11.27 5.10 10.45
N SER B 104 -11.20 5.95 11.47
CA SER B 104 -11.57 7.35 11.34
C SER B 104 -10.74 8.16 12.34
N ALA B 105 -10.97 9.46 12.37
CA ALA B 105 -10.17 10.33 13.22
C ALA B 105 -10.41 10.04 14.71
N SER B 106 -11.60 9.55 15.07
CA SER B 106 -11.88 9.28 16.47
C SER B 106 -11.04 8.12 16.99
N ASP B 107 -10.78 7.12 16.14
CA ASP B 107 -9.94 6.00 16.53
C ASP B 107 -8.49 6.43 16.73
N ILE B 108 -8.06 7.48 16.03
CA ILE B 108 -6.73 8.04 16.25
C ILE B 108 -6.64 8.65 17.64
N ARG B 109 -7.60 9.51 17.98
CA ARG B 109 -7.64 10.11 19.30
C ARG B 109 -7.61 9.06 20.42
N ASP B 110 -8.30 7.93 20.22
CA ASP B 110 -8.36 6.93 21.27
C ASP B 110 -7.00 6.33 21.55
N VAL B 111 -6.16 6.24 20.51
CA VAL B 111 -4.80 5.73 20.68
C VAL B 111 -4.00 6.65 21.60
N PHE B 112 -4.11 7.96 21.39
CA PHE B 112 -3.39 8.89 22.26
C PHE B 112 -3.94 8.84 23.68
N ILE B 113 -5.26 8.77 23.83
CA ILE B 113 -5.85 8.70 25.17
C ILE B 113 -5.42 7.41 25.87
N ASN B 114 -5.39 6.31 25.14
CA ASN B 114 -4.97 5.04 25.73
C ASN B 114 -3.49 5.03 26.09
N ALA B 115 -2.69 5.86 25.44
CA ALA B 115 -1.28 5.98 25.79
C ALA B 115 -1.04 6.85 27.03
N GLY B 116 -2.09 7.48 27.57
CA GLY B 116 -1.96 8.32 28.75
C GLY B 116 -2.19 9.80 28.52
N ILE B 117 -2.34 10.25 27.28
CA ILE B 117 -2.55 11.67 27.00
C ILE B 117 -4.01 12.01 27.28
N LYS B 118 -4.22 13.09 28.03
CA LYS B 118 -5.58 13.51 28.35
C LYS B 118 -6.31 13.96 27.10
N GLY B 119 -7.62 13.66 27.06
CA GLY B 119 -8.41 14.01 25.88
C GLY B 119 -8.42 15.50 25.59
N GLU B 120 -8.62 16.32 26.63
CA GLU B 120 -8.64 17.77 26.42
C GLU B 120 -7.30 18.29 25.92
N GLU B 121 -6.20 17.67 26.35
CA GLU B 121 -4.88 18.09 25.89
C GLU B 121 -4.64 17.69 24.44
N TYR B 122 -5.15 16.52 24.03
CA TYR B 122 -5.06 16.11 22.64
C TYR B 122 -5.85 17.07 21.75
N ASP B 123 -7.08 17.40 22.13
CA ASP B 123 -7.89 18.28 21.30
C ASP B 123 -7.29 19.67 21.21
N ALA B 124 -6.76 20.18 22.33
CA ALA B 124 -6.10 21.48 22.31
C ALA B 124 -4.90 21.48 21.37
N ALA B 125 -4.06 20.44 21.46
CA ALA B 125 -2.96 20.31 20.51
C ALA B 125 -3.47 20.19 19.09
N TRP B 126 -4.48 19.34 18.87
CA TRP B 126 -4.99 19.10 17.53
C TRP B 126 -5.39 20.39 16.83
N ASN B 127 -6.04 21.30 17.56
CA ASN B 127 -6.52 22.56 17.02
C ASN B 127 -5.53 23.71 17.23
N SER B 128 -4.36 23.44 17.78
CA SER B 128 -3.39 24.50 18.05
C SER B 128 -2.69 24.95 16.77
N PHE B 129 -2.24 26.20 16.77
CA PHE B 129 -1.48 26.72 15.63
C PHE B 129 -0.10 26.08 15.52
N VAL B 130 0.44 25.56 16.64
CA VAL B 130 1.67 24.79 16.56
C VAL B 130 1.50 23.58 15.65
N VAL B 131 0.34 22.92 15.74
CA VAL B 131 0.08 21.76 14.91
C VAL B 131 -0.34 22.19 13.50
N LYS B 132 -1.10 23.29 13.39
CA LYS B 132 -1.46 23.79 12.07
C LYS B 132 -0.22 24.21 11.28
N SER B 133 0.77 24.78 11.97
CA SER B 133 2.04 25.07 11.31
C SER B 133 2.82 23.80 11.03
N LEU B 134 2.73 22.81 11.94
CA LEU B 134 3.48 21.58 11.77
C LEU B 134 3.00 20.80 10.56
N VAL B 135 1.70 20.77 10.31
CA VAL B 135 1.22 20.02 9.14
C VAL B 135 1.61 20.72 7.85
N ALA B 136 1.75 22.05 7.86
CA ALA B 136 2.20 22.73 6.66
C ALA B 136 3.65 22.36 6.34
N GLN B 137 4.49 22.28 7.36
CA GLN B 137 5.89 21.91 7.13
C GLN B 137 6.00 20.50 6.55
N GLN B 138 5.14 19.58 7.01
CA GLN B 138 5.14 18.23 6.44
C GLN B 138 4.70 18.24 4.99
N GLU B 139 3.76 19.13 4.64
CA GLU B 139 3.31 19.22 3.27
C GLU B 139 4.34 19.92 2.39
N LYS B 140 4.92 21.01 2.89
CA LYS B 140 5.89 21.76 2.10
C LYS B 140 7.14 20.93 1.84
N ALA B 141 7.59 20.18 2.84
CA ALA B 141 8.78 19.33 2.65
C ALA B 141 8.52 18.26 1.61
N ALA B 142 7.33 17.67 1.61
CA ALA B 142 7.00 16.67 0.60
C ALA B 142 6.96 17.27 -0.80
N ALA B 143 6.30 18.42 -0.96
CA ALA B 143 6.25 19.08 -2.26
C ALA B 143 7.60 19.61 -2.70
N ASP B 144 8.50 19.89 -1.76
CA ASP B 144 9.80 20.46 -2.10
C ASP B 144 10.65 19.47 -2.90
N VAL B 145 10.49 18.18 -2.67
CA VAL B 145 11.29 17.16 -3.34
C VAL B 145 10.47 16.36 -4.34
N GLN B 146 9.24 16.81 -4.64
CA GLN B 146 8.34 16.10 -5.56
C GLN B 146 8.21 14.64 -5.15
N LEU B 147 8.03 14.41 -3.85
CA LEU B 147 7.95 13.08 -3.30
C LEU B 147 6.77 12.32 -3.92
N ARG B 148 7.02 11.09 -4.35
CA ARG B 148 6.00 10.30 -5.02
C ARG B 148 5.91 8.87 -4.47
N GLY B 149 6.46 8.62 -3.29
CA GLY B 149 6.40 7.29 -2.70
C GLY B 149 7.14 7.12 -1.39
N VAL B 150 6.57 6.34 -0.47
CA VAL B 150 7.20 6.08 0.82
C VAL B 150 7.57 4.60 0.92
N PRO B 151 8.61 4.22 1.68
CA PRO B 151 9.48 5.10 2.48
C PRO B 151 10.46 5.91 1.61
N ALA B 152 11.11 6.90 2.24
CA ALA B 152 12.06 7.77 1.57
C ALA B 152 12.87 8.53 2.62
N MET B 153 14.17 8.67 2.38
CA MET B 153 15.06 9.41 3.26
C MET B 153 15.89 10.39 2.45
N PHE B 154 16.09 11.58 3.00
CA PHE B 154 16.77 12.65 2.28
C PHE B 154 17.81 13.30 3.18
N VAL B 155 18.97 13.62 2.60
CA VAL B 155 20.09 14.18 3.34
C VAL B 155 20.24 15.64 2.95
N ASN B 156 20.10 16.52 3.94
CA ASN B 156 20.26 17.97 3.75
C ASN B 156 19.45 18.50 2.57
N GLY B 157 18.38 17.80 2.20
CA GLY B 157 17.60 18.16 1.04
C GLY B 157 18.38 18.17 -0.26
N LYS B 158 19.40 17.32 -0.37
CA LYS B 158 20.25 17.32 -1.57
C LYS B 158 20.30 15.96 -2.26
N TYR B 159 20.38 14.86 -1.50
CA TYR B 159 20.44 13.53 -2.09
C TYR B 159 19.35 12.64 -1.49
N GLN B 160 18.98 11.60 -2.24
CA GLN B 160 17.92 10.68 -1.86
C GLN B 160 18.44 9.25 -1.89
N LEU B 161 18.18 8.50 -0.82
CA LEU B 161 18.64 7.13 -0.70
C LEU B 161 17.99 6.26 -1.78
N ASN B 162 18.73 5.25 -2.23
CA ASN B 162 18.28 4.31 -3.26
C ASN B 162 18.48 2.89 -2.76
N PRO B 163 17.56 2.36 -1.96
CA PRO B 163 17.74 0.99 -1.44
C PRO B 163 17.58 -0.08 -2.50
N GLN B 164 17.00 0.24 -3.67
CA GLN B 164 16.83 -0.78 -4.70
C GLN B 164 18.17 -1.25 -5.26
N GLY B 165 19.19 -0.42 -5.20
CA GLY B 165 20.51 -0.81 -5.69
C GLY B 165 21.43 -1.40 -4.65
N MET B 166 20.92 -1.75 -3.47
CA MET B 166 21.71 -2.32 -2.40
C MET B 166 21.48 -3.83 -2.35
N ASP B 167 22.11 -4.48 -1.37
CA ASP B 167 21.88 -5.91 -1.15
C ASP B 167 20.46 -6.12 -0.62
N THR B 168 19.72 -7.03 -1.26
CA THR B 168 18.34 -7.29 -0.88
C THR B 168 18.10 -8.72 -0.39
N SER B 169 19.14 -9.55 -0.29
CA SER B 169 19.00 -10.88 0.27
C SER B 169 19.28 -10.91 1.76
N ASN B 170 20.36 -10.24 2.19
CA ASN B 170 20.75 -10.18 3.60
C ASN B 170 20.26 -8.86 4.17
N MET B 171 19.28 -8.92 5.07
CA MET B 171 18.73 -7.69 5.62
C MET B 171 19.68 -7.01 6.60
N ASP B 172 20.52 -7.78 7.30
CA ASP B 172 21.47 -7.17 8.22
C ASP B 172 22.48 -6.33 7.45
N VAL B 173 23.00 -6.86 6.35
CA VAL B 173 23.92 -6.08 5.53
C VAL B 173 23.19 -4.90 4.90
N PHE B 174 21.96 -5.12 4.45
CA PHE B 174 21.17 -4.05 3.82
C PHE B 174 20.96 -2.88 4.76
N VAL B 175 20.58 -3.17 6.01
CA VAL B 175 20.32 -2.11 6.98
C VAL B 175 21.58 -1.30 7.26
N GLN B 176 22.72 -1.98 7.42
CA GLN B 176 23.97 -1.26 7.60
C GLN B 176 24.39 -0.55 6.33
N GLN B 177 24.17 -1.16 5.17
CA GLN B 177 24.47 -0.50 3.90
C GLN B 177 23.63 0.74 3.73
N TYR B 178 22.37 0.70 4.18
CA TYR B 178 21.52 1.88 4.16
C TYR B 178 22.05 2.96 5.10
N ALA B 179 22.35 2.58 6.35
CA ALA B 179 22.82 3.56 7.33
C ALA B 179 24.18 4.13 6.96
N ASP B 180 25.10 3.29 6.47
CA ASP B 180 26.41 3.77 6.05
C ASP B 180 26.32 4.74 4.89
N THR B 181 25.35 4.54 4.00
CA THR B 181 25.16 5.49 2.90
C THR B 181 24.65 6.84 3.41
N VAL B 182 23.78 6.81 4.42
CA VAL B 182 23.30 8.06 5.03
C VAL B 182 24.46 8.83 5.64
N LYS B 183 25.36 8.12 6.34
CA LYS B 183 26.50 8.78 6.96
C LYS B 183 27.42 9.41 5.91
N TYR B 184 27.56 8.74 4.76
CA TYR B 184 28.41 9.25 3.69
C TYR B 184 27.89 10.60 3.20
N LEU B 185 26.64 10.66 2.75
CA LEU B 185 26.11 11.89 2.20
C LEU B 185 25.96 12.98 3.27
N SER B 186 25.81 12.59 4.54
CA SER B 186 25.69 13.57 5.62
C SER B 186 26.93 14.44 5.70
N GLU B 187 28.12 13.84 5.68
CA GLU B 187 29.36 14.59 5.77
C GLU B 187 29.87 15.09 4.43
N LYS B 188 29.32 14.61 3.32
CA LYS B 188 29.77 15.01 2.00
C LYS B 188 29.53 16.50 1.75
C25 OAV C . -9.51 3.94 0.58
C25 OAV C . -9.44 3.91 0.61
C28 OAV C . -7.80 2.66 1.80
C28 OAV C . -7.74 2.62 1.81
C13 OAV C . -7.94 3.90 -8.28
C13 OAV C . -8.05 3.80 -8.28
C14 OAV C . -8.33 4.09 -6.83
C14 OAV C . -8.39 4.03 -6.82
C18 OAV C . -8.57 5.51 -4.90
C18 OAV C . -8.56 5.49 -4.91
C19 OAV C . -8.12 5.29 -6.19
C19 OAV C . -8.16 5.24 -6.21
C21 OAV C . -9.29 4.22 -1.82
C21 OAV C . -9.23 4.23 -1.78
C22 OAV C . -8.11 3.50 -1.81
C22 OAV C . -8.05 3.51 -1.79
C23 OAV C . -7.62 2.99 -0.63
C23 OAV C . -7.56 2.98 -0.60
C01 OAV C . -7.40 2.35 -11.44
C01 OAV C . -3.83 2.99 -10.46
C02 OAV C . -6.90 3.66 -10.89
C02 OAV C . -4.90 4.03 -10.25
C04 OAV C . -4.60 3.37 -10.01
C04 OAV C . -6.99 2.80 -10.83
C05 OAV C . -3.87 4.71 -10.05
C05 OAV C . -7.07 3.61 -12.12
C07 OAV C . -3.07 5.29 -7.75
C07 OAV C . -8.16 3.36 -14.36
C08 OAV C . -3.52 6.10 -6.76
C08 OAV C . -8.95 2.42 -14.95
C09 OAV C . -4.68 6.67 -7.26
C09 OAV C . -9.12 1.43 -13.98
C11 OAV C . -6.50 3.46 -8.46
C11 OAV C . -6.58 3.49 -8.50
C15 OAV C . -8.98 3.07 -6.14
C15 OAV C . -9.02 3.03 -6.08
C16 OAV C . -9.43 3.27 -4.84
C16 OAV C . -9.44 3.26 -4.79
C17 OAV C . -9.24 4.50 -4.23
C17 OAV C . -9.23 4.50 -4.20
C24 OAV C . -8.31 3.21 0.57
C24 OAV C . -8.25 3.18 0.59
C26 OAV C . -9.98 4.45 -0.63
C26 OAV C . -9.92 4.43 -0.60
C27 OAV C . -10.26 4.20 1.86
C27 OAV C . -10.20 4.15 1.89
N03 OAV C . -6.02 3.49 -9.72
N03 OAV C . -6.17 3.44 -9.79
N06 OAV C . -3.94 5.39 -8.77
N06 OAV C . -7.89 2.93 -13.12
N10 OAV C . -4.95 6.24 -8.49
N10 OAV C . -8.48 1.73 -12.85
N29 OAV C . -7.37 2.20 2.76
N29 OAV C . -7.35 2.19 2.80
O12 OAV C . -5.82 3.07 -7.51
O12 OAV C . -5.81 3.30 -7.58
O20 OAV C . -9.81 4.76 -2.99
O20 OAV C . -9.75 4.80 -2.95
CU CU D . 33.14 0.95 -7.92
#